data_9FFH
#
_entry.id   9FFH
#
_cell.length_a   1.00
_cell.length_b   1.00
_cell.length_c   1.00
_cell.angle_alpha   90.00
_cell.angle_beta   90.00
_cell.angle_gamma   90.00
#
_symmetry.space_group_name_H-M   'P 1'
#
_entity_poly.entity_id   1
_entity_poly.type   'polypeptide(L)'
_entity_poly.pdbx_seq_one_letter_code
;MSYQTKRNVRREARTLMGRFKAGKLAPVMAVPVKGSEGGMLSQSVSFELDPIAGRMATPITAEMCAVFVPVQACDALKNP
EADYAGMTEIVREKLLSGNPLFVLEPETDVSKRCGVNPRRNNGLMRVNEIVRLAHNCAVNFLRRRRYVDAVQLTAANHST
TPAILSQTVLDRFNGALDPDPNVNGAVQLSMPDMRLPVASDAEKAVTAPLTVKRGNENRRLDAGISRLAAAEVAAATDAA
LYAVFGGREAGNVSLTDFYNAQKMDELTRVMRKICDDNPEYGEEMVLRWAHGLSVDPGRVPFLLAEKSVVLGRQIIGATD
TAGVEDGVKRSDMAAQLSFTVPIPTTELGGIIVTFACIKPDETLSSQPHPILADHWRLDNFVADELALDPQPVMARELDY
KVAQANETTVVFYTGLNELKKTYVSYGLCRALDPNTVESKNAVWQLEVPLSVTPETVLYPADLPQYPFADQQAEVCTYVV
QSTAVMPTPMIFGPSPVEQLAVIETEDLFED
;
_entity_poly.pdbx_strand_id   B
#
# COMPACT_ATOMS: atom_id res chain seq x y z
N TYR A 3 -32.87 -17.26 -8.71
CA TYR A 3 -31.73 -17.06 -7.77
C TYR A 3 -31.19 -15.64 -7.96
N GLN A 4 -29.98 -15.38 -7.46
CA GLN A 4 -29.43 -14.02 -7.40
C GLN A 4 -30.35 -13.10 -6.61
N THR A 5 -30.96 -13.64 -5.57
CA THR A 5 -31.85 -12.90 -4.67
C THR A 5 -31.53 -13.29 -3.24
N LYS A 6 -31.80 -12.37 -2.32
CA LYS A 6 -31.45 -12.54 -0.91
C LYS A 6 -32.57 -13.31 -0.22
N ARG A 7 -32.29 -14.56 0.15
CA ARG A 7 -33.24 -15.44 0.82
C ARG A 7 -32.87 -15.71 2.27
N ASN A 8 -31.68 -16.23 2.51
CA ASN A 8 -31.17 -16.55 3.85
C ASN A 8 -29.99 -15.63 4.16
N VAL A 9 -29.43 -15.80 5.36
CA VAL A 9 -28.35 -14.95 5.85
C VAL A 9 -27.32 -15.80 6.55
N ARG A 10 -26.04 -15.48 6.31
CA ARG A 10 -24.91 -16.04 7.04
C ARG A 10 -24.09 -14.90 7.60
N ARG A 11 -23.56 -15.09 8.81
CA ARG A 11 -22.75 -14.09 9.48
C ARG A 11 -21.52 -14.75 10.09
N GLU A 12 -20.44 -13.98 10.19
CA GLU A 12 -19.16 -14.45 10.68
C GLU A 12 -18.61 -13.45 11.70
N ALA A 13 -17.90 -13.98 12.69
CA ALA A 13 -17.32 -13.16 13.75
C ALA A 13 -16.00 -13.78 14.17
N ARG A 14 -14.91 -13.29 13.58
CA ARG A 14 -13.57 -13.81 13.82
C ARG A 14 -12.79 -12.85 14.70
N THR A 15 -12.16 -13.39 15.75
CA THR A 15 -11.29 -12.63 16.64
C THR A 15 -9.91 -13.25 16.60
N LEU A 16 -8.88 -12.41 16.48
CA LEU A 16 -7.51 -12.86 16.32
C LEU A 16 -6.56 -11.93 17.06
N MET A 17 -5.44 -12.49 17.51
CA MET A 17 -4.38 -11.75 18.18
C MET A 17 -3.05 -12.15 17.58
N GLY A 18 -2.11 -11.20 17.58
CA GLY A 18 -0.80 -11.47 17.02
C GLY A 18 0.12 -10.28 17.16
N ARG A 19 1.22 -10.33 16.41
CA ARG A 19 2.23 -9.28 16.41
C ARG A 19 2.73 -9.08 14.99
N PHE A 20 3.22 -7.87 14.70
CA PHE A 20 3.89 -7.59 13.44
C PHE A 20 4.99 -6.57 13.66
N LYS A 21 5.96 -6.57 12.75
CA LYS A 21 7.09 -5.66 12.84
C LYS A 21 6.73 -4.31 12.24
N ALA A 22 7.34 -3.26 12.78
CA ALA A 22 7.10 -1.92 12.29
C ALA A 22 7.66 -1.75 10.88
N GLY A 23 7.08 -0.82 10.13
CA GLY A 23 7.51 -0.58 8.78
C GLY A 23 7.22 -1.71 7.81
N LYS A 24 6.15 -2.46 8.04
CA LYS A 24 5.74 -3.54 7.17
C LYS A 24 4.22 -3.57 7.08
N LEU A 25 3.72 -3.83 5.87
CA LEU A 25 2.28 -3.87 5.62
C LEU A 25 1.78 -5.27 5.97
N ALA A 26 1.55 -5.50 7.26
CA ALA A 26 1.19 -6.82 7.75
C ALA A 26 -0.30 -7.08 7.51
N PRO A 27 -0.69 -8.13 6.79
CA PRO A 27 -2.13 -8.45 6.73
C PRO A 27 -2.65 -8.91 8.07
N VAL A 28 -3.92 -8.60 8.33
CA VAL A 28 -4.56 -8.91 9.60
C VAL A 28 -5.68 -9.93 9.43
N MET A 29 -6.47 -9.82 8.35
CA MET A 29 -7.53 -10.78 8.11
C MET A 29 -7.96 -10.71 6.66
N ALA A 30 -8.72 -11.72 6.24
CA ALA A 30 -9.18 -11.86 4.86
C ALA A 30 -10.57 -12.48 4.90
N VAL A 31 -11.60 -11.65 4.76
CA VAL A 31 -12.99 -12.11 4.85
C VAL A 31 -13.43 -12.63 3.49
N PRO A 32 -13.83 -13.89 3.34
CA PRO A 32 -14.26 -14.37 2.02
C PRO A 32 -15.67 -13.92 1.68
N VAL A 33 -15.87 -13.59 0.40
CA VAL A 33 -17.16 -13.18 -0.14
C VAL A 33 -17.45 -14.01 -1.38
N LYS A 34 -18.67 -14.55 -1.45
CA LYS A 34 -19.10 -15.39 -2.55
C LYS A 34 -19.91 -14.57 -3.54
N GLY A 35 -20.47 -15.22 -4.55
CA GLY A 35 -21.27 -14.53 -5.54
C GLY A 35 -22.61 -14.11 -4.97
N SER A 36 -23.05 -12.91 -5.34
CA SER A 36 -24.33 -12.36 -4.91
C SER A 36 -24.42 -12.25 -3.39
N GLU A 37 -23.30 -11.91 -2.75
CA GLU A 37 -23.25 -11.71 -1.31
C GLU A 37 -22.99 -10.23 -1.02
N GLY A 38 -23.85 -9.64 -0.21
CA GLY A 38 -23.70 -8.25 0.18
C GLY A 38 -24.37 -8.01 1.50
N GLY A 39 -23.85 -7.03 2.25
CA GLY A 39 -24.36 -6.74 3.58
C GLY A 39 -23.49 -5.77 4.34
N MET A 40 -23.15 -6.11 5.58
CA MET A 40 -22.39 -5.25 6.47
C MET A 40 -21.11 -5.95 6.90
N LEU A 41 -20.04 -5.16 7.05
CA LEU A 41 -18.75 -5.65 7.50
C LEU A 41 -18.15 -4.62 8.45
N SER A 42 -18.01 -5.01 9.72
CA SER A 42 -17.44 -4.15 10.76
C SER A 42 -16.16 -4.79 11.27
N GLN A 43 -15.08 -4.00 11.31
CA GLN A 43 -13.78 -4.46 11.78
C GLN A 43 -13.17 -3.41 12.70
N SER A 44 -12.41 -3.89 13.68
CA SER A 44 -11.72 -3.03 14.63
C SER A 44 -10.38 -3.66 14.98
N VAL A 45 -9.34 -2.84 15.02
CA VAL A 45 -7.98 -3.29 15.29
C VAL A 45 -7.41 -2.46 16.44
N SER A 46 -6.92 -3.14 17.47
CA SER A 46 -6.21 -2.50 18.57
C SER A 46 -4.71 -2.51 18.30
N PHE A 47 -4.01 -1.57 18.94
CA PHE A 47 -2.57 -1.40 18.78
C PHE A 47 -1.93 -1.29 20.15
N GLU A 48 -0.83 -2.02 20.35
CA GLU A 48 -0.07 -1.96 21.59
C GLU A 48 1.39 -2.24 21.27
N LEU A 49 2.28 -1.35 21.68
CA LEU A 49 3.69 -1.40 21.34
C LEU A 49 4.50 -1.80 22.56
N ASP A 50 5.67 -2.38 22.30
CA ASP A 50 6.57 -2.78 23.38
C ASP A 50 7.09 -1.53 24.10
N PRO A 51 7.55 -1.67 25.34
CA PRO A 51 7.99 -0.49 26.10
C PRO A 51 9.16 0.21 25.43
N ILE A 52 9.15 1.53 25.50
CA ILE A 52 10.17 2.39 24.90
C ILE A 52 10.80 3.21 26.00
N ALA A 53 12.13 3.20 26.07
CA ALA A 53 12.83 4.00 27.05
C ALA A 53 12.61 5.48 26.77
N GLY A 54 12.35 6.25 27.83
CA GLY A 54 12.17 7.68 27.69
C GLY A 54 10.88 8.02 26.96
N ARG A 55 10.70 9.33 26.74
CA ARG A 55 9.54 9.84 26.04
C ARG A 55 9.85 9.99 24.56
N MET A 56 8.80 9.95 23.74
CA MET A 56 8.90 9.91 22.28
C MET A 56 8.05 11.04 21.72
N ALA A 57 8.66 12.22 21.60
CA ALA A 57 7.94 13.36 21.03
C ALA A 57 7.61 13.13 19.56
N THR A 58 8.42 12.34 18.85
CA THR A 58 8.17 12.08 17.44
C THR A 58 6.88 11.30 17.28
N PRO A 59 5.95 11.71 16.41
CA PRO A 59 4.69 10.97 16.30
C PRO A 59 4.88 9.62 15.62
N ILE A 60 3.98 8.69 15.94
CA ILE A 60 3.88 7.40 15.30
C ILE A 60 2.46 7.26 14.75
N THR A 61 2.35 6.92 13.48
CA THR A 61 1.07 6.85 12.79
C THR A 61 0.62 5.41 12.65
N ALA A 62 -0.69 5.20 12.77
CA ALA A 62 -1.32 3.90 12.55
C ALA A 62 -1.94 3.86 11.17
N GLU A 63 -2.14 2.64 10.66
CA GLU A 63 -2.71 2.42 9.34
C GLU A 63 -3.68 1.25 9.39
N MET A 64 -4.76 1.35 8.62
CA MET A 64 -5.66 0.23 8.39
C MET A 64 -6.29 0.40 7.02
N CYS A 65 -6.30 -0.67 6.23
CA CYS A 65 -6.81 -0.65 4.87
C CYS A 65 -7.71 -1.85 4.65
N ALA A 66 -8.61 -1.71 3.67
CA ALA A 66 -9.52 -2.78 3.28
C ALA A 66 -9.63 -2.76 1.76
N VAL A 67 -9.15 -3.82 1.11
CA VAL A 67 -9.10 -3.93 -0.34
C VAL A 67 -9.90 -5.15 -0.75
N PHE A 68 -10.86 -4.95 -1.65
CA PHE A 68 -11.66 -6.02 -2.21
C PHE A 68 -11.00 -6.50 -3.50
N VAL A 69 -10.54 -7.74 -3.51
CA VAL A 69 -9.85 -8.34 -4.64
C VAL A 69 -10.83 -9.29 -5.33
N PRO A 70 -11.33 -8.97 -6.53
CA PRO A 70 -12.25 -9.90 -7.20
C PRO A 70 -11.54 -11.18 -7.60
N VAL A 71 -12.36 -12.20 -7.87
CA VAL A 71 -11.84 -13.49 -8.33
C VAL A 71 -11.16 -13.34 -9.68
N GLN A 72 -11.59 -12.38 -10.50
CA GLN A 72 -11.01 -12.21 -11.83
C GLN A 72 -9.53 -11.84 -11.75
N ALA A 73 -9.18 -10.92 -10.84
CA ALA A 73 -7.79 -10.49 -10.74
C ALA A 73 -6.90 -11.60 -10.23
N CYS A 74 -7.40 -12.41 -9.29
CA CYS A 74 -6.61 -13.53 -8.77
C CYS A 74 -6.30 -14.54 -9.86
N ASP A 75 -7.22 -14.71 -10.80
CA ASP A 75 -6.98 -15.64 -11.91
C ASP A 75 -5.83 -15.17 -12.79
N ALA A 76 -5.72 -13.85 -13.00
CA ALA A 76 -4.66 -13.32 -13.84
C ALA A 76 -3.28 -13.62 -13.26
N LEU A 77 -3.13 -13.48 -11.94
CA LEU A 77 -1.86 -13.82 -11.31
C LEU A 77 -1.58 -15.32 -11.40
N LYS A 78 -2.63 -16.14 -11.35
CA LYS A 78 -2.45 -17.58 -11.47
C LYS A 78 -2.01 -17.97 -12.88
N ASN A 79 -2.58 -17.30 -13.89
CA ASN A 79 -2.32 -17.61 -15.30
C ASN A 79 -2.04 -16.32 -16.05
N PRO A 80 -0.89 -15.68 -15.80
CA PRO A 80 -0.61 -14.40 -16.46
C PRO A 80 -0.38 -14.54 -17.96
N GLU A 81 0.46 -15.51 -18.35
CA GLU A 81 0.76 -15.69 -19.77
C GLU A 81 -0.46 -16.15 -20.57
N ALA A 82 -1.45 -16.75 -19.92
CA ALA A 82 -2.64 -17.20 -20.63
C ALA A 82 -3.41 -15.99 -21.17
N ASP A 83 -3.87 -16.11 -22.41
CA ASP A 83 -4.60 -15.02 -23.05
C ASP A 83 -6.04 -14.97 -22.53
N TYR A 84 -6.53 -13.76 -22.31
CA TYR A 84 -7.86 -13.54 -21.76
C TYR A 84 -8.03 -14.20 -20.40
N ALA A 85 -6.96 -14.25 -19.62
CA ALA A 85 -7.02 -14.94 -18.33
C ALA A 85 -7.95 -14.24 -17.36
N GLY A 86 -7.89 -12.91 -17.30
CA GLY A 86 -8.67 -12.15 -16.35
C GLY A 86 -10.10 -11.89 -16.74
N MET A 87 -10.52 -12.28 -17.94
CA MET A 87 -11.88 -12.01 -18.38
C MET A 87 -12.89 -12.78 -17.53
N THR A 88 -14.05 -12.17 -17.32
CA THR A 88 -15.07 -12.77 -16.48
C THR A 88 -15.60 -14.07 -17.09
N GLU A 89 -15.85 -14.08 -18.40
CA GLU A 89 -16.43 -15.26 -19.03
C GLU A 89 -15.47 -16.44 -19.02
N ILE A 90 -14.17 -16.17 -19.15
CA ILE A 90 -13.18 -17.26 -19.05
C ILE A 90 -13.24 -17.89 -17.67
N VAL A 91 -13.31 -17.06 -16.63
CA VAL A 91 -13.51 -17.58 -15.28
C VAL A 91 -14.88 -18.22 -15.16
N ARG A 92 -15.88 -17.63 -15.82
CA ARG A 92 -17.24 -18.17 -15.76
C ARG A 92 -17.30 -19.56 -16.40
N GLU A 93 -16.61 -19.76 -17.52
CA GLU A 93 -16.63 -21.06 -18.18
C GLU A 93 -15.90 -22.11 -17.37
N LYS A 94 -14.76 -21.77 -16.78
CA LYS A 94 -13.99 -22.74 -16.02
C LYS A 94 -14.76 -23.21 -14.79
N LEU A 95 -15.52 -22.30 -14.16
CA LEU A 95 -16.35 -22.71 -13.03
C LEU A 95 -17.41 -23.71 -13.46
N LEU A 96 -18.01 -23.50 -14.63
CA LEU A 96 -19.06 -24.39 -15.10
C LEU A 96 -18.53 -25.77 -15.49
N SER A 97 -17.22 -25.90 -15.72
CA SER A 97 -16.65 -27.18 -16.11
C SER A 97 -16.72 -28.23 -14.99
N GLY A 98 -16.91 -27.81 -13.74
CA GLY A 98 -16.93 -28.68 -12.60
C GLY A 98 -15.61 -28.79 -11.86
N ASN A 99 -14.50 -28.43 -12.52
CA ASN A 99 -13.21 -28.41 -11.84
C ASN A 99 -13.11 -27.16 -10.96
N PRO A 100 -12.27 -27.18 -9.93
CA PRO A 100 -12.18 -26.01 -9.04
C PRO A 100 -11.34 -24.91 -9.67
N LEU A 101 -11.84 -23.68 -9.61
CA LEU A 101 -11.09 -22.55 -10.16
C LEU A 101 -9.80 -22.34 -9.40
N PHE A 102 -9.84 -22.46 -8.07
CA PHE A 102 -8.66 -22.38 -7.21
C PHE A 102 -8.61 -23.61 -6.33
N VAL A 103 -7.41 -24.18 -6.19
CA VAL A 103 -7.20 -25.44 -5.51
C VAL A 103 -6.33 -25.18 -4.28
N LEU A 104 -6.32 -26.15 -3.37
CA LEU A 104 -5.55 -26.04 -2.14
C LEU A 104 -4.04 -25.92 -2.34
N GLU A 105 -3.37 -25.40 -1.31
CA GLU A 105 -1.91 -25.32 -1.30
C GLU A 105 -1.43 -25.44 0.15
N PRO A 106 -0.13 -25.67 0.36
CA PRO A 106 0.39 -25.69 1.74
C PRO A 106 0.25 -24.32 2.41
N GLU A 107 0.47 -24.33 3.72
CA GLU A 107 0.38 -23.10 4.50
C GLU A 107 1.54 -22.16 4.18
N THR A 108 1.36 -20.90 4.54
CA THR A 108 2.37 -19.88 4.30
C THR A 108 2.16 -18.75 5.29
N ASP A 109 3.17 -17.89 5.41
CA ASP A 109 3.11 -16.79 6.37
C ASP A 109 1.96 -15.84 6.06
N VAL A 110 1.66 -15.65 4.77
CA VAL A 110 0.55 -14.78 4.39
C VAL A 110 -0.78 -15.37 4.89
N SER A 111 -0.97 -16.67 4.69
CA SER A 111 -2.22 -17.30 5.10
C SER A 111 -2.36 -17.35 6.62
N LYS A 112 -1.26 -17.61 7.33
CA LYS A 112 -1.32 -17.67 8.79
C LYS A 112 -1.71 -16.34 9.39
N ARG A 113 -1.14 -15.24 8.87
CA ARG A 113 -1.44 -13.92 9.42
C ARG A 113 -2.89 -13.52 9.17
N CYS A 114 -3.48 -13.95 8.05
CA CYS A 114 -4.89 -13.68 7.81
C CYS A 114 -5.78 -14.42 8.80
N GLY A 115 -5.28 -15.52 9.36
CA GLY A 115 -6.03 -16.27 10.36
C GLY A 115 -6.92 -17.34 9.75
N VAL A 116 -6.55 -17.82 8.55
CA VAL A 116 -7.29 -18.89 7.89
C VAL A 116 -6.82 -20.20 8.50
N ASN A 117 -7.65 -20.79 9.34
CA ASN A 117 -7.26 -22.03 10.01
C ASN A 117 -7.12 -23.14 8.96
N PRO A 118 -6.08 -23.99 9.06
CA PRO A 118 -5.81 -24.94 7.96
C PRO A 118 -6.73 -26.15 7.97
N ARG A 119 -6.58 -26.99 6.95
CA ARG A 119 -7.35 -28.23 6.77
C ARG A 119 -6.38 -29.39 6.78
N ARG A 120 -6.67 -30.41 7.60
CA ARG A 120 -5.80 -31.58 7.72
C ARG A 120 -6.19 -32.58 6.64
N ASN A 121 -5.39 -32.62 5.57
CA ASN A 121 -5.61 -33.52 4.44
C ASN A 121 -4.37 -34.37 4.25
N ASN A 122 -4.53 -35.69 4.35
CA ASN A 122 -3.43 -36.65 4.25
C ASN A 122 -2.32 -36.32 5.25
N GLY A 123 -2.71 -35.94 6.46
CA GLY A 123 -1.74 -35.60 7.49
C GLY A 123 -0.89 -34.39 7.16
N LEU A 124 -1.46 -33.42 6.46
CA LEU A 124 -0.74 -32.20 6.09
C LEU A 124 -1.71 -31.03 6.03
N MET A 125 -1.23 -29.86 6.43
CA MET A 125 -2.06 -28.66 6.43
C MET A 125 -2.18 -28.13 5.01
N ARG A 126 -3.40 -27.70 4.64
CA ARG A 126 -3.70 -27.21 3.31
C ARG A 126 -4.64 -26.03 3.39
N VAL A 127 -4.37 -25.00 2.58
CA VAL A 127 -5.21 -23.82 2.48
C VAL A 127 -5.32 -23.44 1.00
N ASN A 128 -6.43 -22.80 0.65
CA ASN A 128 -6.66 -22.44 -0.74
C ASN A 128 -5.67 -21.38 -1.22
N GLU A 129 -5.35 -21.44 -2.52
CA GLU A 129 -4.41 -20.51 -3.11
C GLU A 129 -4.98 -19.10 -3.23
N ILE A 130 -6.29 -18.93 -3.09
CA ILE A 130 -6.91 -17.62 -3.33
C ILE A 130 -6.42 -16.59 -2.32
N VAL A 131 -6.13 -17.02 -1.08
CA VAL A 131 -5.68 -16.07 -0.06
C VAL A 131 -4.33 -15.48 -0.45
N ARG A 132 -3.40 -16.33 -0.90
CA ARG A 132 -2.08 -15.84 -1.29
C ARG A 132 -2.18 -14.92 -2.50
N LEU A 133 -2.99 -15.30 -3.50
CA LEU A 133 -3.15 -14.45 -4.68
C LEU A 133 -3.82 -13.13 -4.34
N ALA A 134 -4.81 -13.16 -3.43
CA ALA A 134 -5.50 -11.94 -3.06
C ALA A 134 -4.56 -10.96 -2.36
N HIS A 135 -3.71 -11.46 -1.47
CA HIS A 135 -2.76 -10.59 -0.79
C HIS A 135 -1.78 -9.97 -1.76
N ASN A 136 -1.27 -10.77 -2.70
CA ASN A 136 -0.30 -10.26 -3.67
C ASN A 136 -0.92 -9.18 -4.57
N CYS A 137 -2.16 -9.39 -4.99
CA CYS A 137 -2.83 -8.39 -5.81
C CYS A 137 -3.13 -7.13 -5.01
N ALA A 138 -3.54 -7.28 -3.76
CA ALA A 138 -3.94 -6.13 -2.96
C ALA A 138 -2.75 -5.21 -2.69
N VAL A 139 -1.61 -5.79 -2.30
CA VAL A 139 -0.42 -4.97 -2.06
C VAL A 139 0.06 -4.33 -3.36
N ASN A 140 -0.08 -5.05 -4.48
CA ASN A 140 0.24 -4.46 -5.77
C ASN A 140 -0.66 -3.26 -6.06
N PHE A 141 -1.95 -3.39 -5.77
CA PHE A 141 -2.89 -2.30 -6.04
C PHE A 141 -2.54 -1.05 -5.25
N LEU A 142 -2.15 -1.21 -3.98
CA LEU A 142 -1.79 -0.05 -3.17
C LEU A 142 -0.53 0.64 -3.70
N ARG A 143 0.36 -0.10 -4.34
CA ARG A 143 1.57 0.51 -4.89
C ARG A 143 1.27 1.37 -6.11
N ARG A 144 0.24 1.03 -6.89
CA ARG A 144 -0.09 1.82 -8.07
C ARG A 144 -0.61 3.20 -7.68
N ARG A 145 -1.27 3.30 -6.52
CA ARG A 145 -1.84 4.58 -6.11
C ARG A 145 -0.76 5.65 -5.92
N ARG A 146 0.34 5.29 -5.26
CA ARG A 146 1.42 6.26 -5.04
C ARG A 146 2.15 6.55 -6.34
N TYR A 147 2.32 5.55 -7.21
CA TYR A 147 3.04 5.73 -8.46
C TYR A 147 2.65 4.60 -9.39
N VAL A 148 2.28 4.94 -10.63
CA VAL A 148 1.76 3.94 -11.55
C VAL A 148 2.85 2.94 -11.93
N ASP A 149 4.03 3.43 -12.29
CA ASP A 149 5.15 2.57 -12.70
C ASP A 149 5.92 2.14 -11.46
N ALA A 150 5.28 1.26 -10.68
CA ALA A 150 5.84 0.73 -9.45
C ALA A 150 6.05 -0.77 -9.58
N VAL A 151 6.96 -1.31 -8.76
CA VAL A 151 7.23 -2.73 -8.80
C VAL A 151 6.00 -3.50 -8.34
N GLN A 152 5.69 -4.58 -9.06
CA GLN A 152 4.49 -5.38 -8.83
C GLN A 152 4.90 -6.80 -8.49
N LEU A 153 4.36 -7.33 -7.39
CA LEU A 153 4.67 -8.67 -6.96
C LEU A 153 3.99 -9.70 -7.87
N THR A 154 4.58 -10.89 -7.93
CA THR A 154 4.03 -12.00 -8.68
C THR A 154 3.20 -12.89 -7.74
N ALA A 155 2.75 -14.03 -8.24
CA ALA A 155 2.00 -14.99 -7.43
C ALA A 155 2.90 -15.84 -6.53
N ALA A 156 4.22 -15.75 -6.68
CA ALA A 156 5.14 -16.61 -5.95
C ALA A 156 5.51 -16.07 -4.57
N ASN A 157 5.03 -14.88 -4.19
CA ASN A 157 5.37 -14.33 -2.89
C ASN A 157 4.74 -15.15 -1.78
N HIS A 158 5.50 -15.37 -0.71
CA HIS A 158 5.07 -16.19 0.41
C HIS A 158 5.51 -15.59 1.74
N SER A 159 5.56 -14.26 1.83
CA SER A 159 6.01 -13.59 3.04
C SER A 159 5.42 -12.20 3.10
N THR A 160 5.48 -11.60 4.28
CA THR A 160 4.98 -10.24 4.46
C THR A 160 5.82 -9.24 3.67
N THR A 161 5.17 -8.19 3.19
CA THR A 161 5.76 -7.21 2.31
C THR A 161 6.15 -5.96 3.09
N PRO A 162 7.08 -5.15 2.59
CA PRO A 162 7.40 -3.89 3.28
C PRO A 162 6.28 -2.87 3.14
N ALA A 163 6.30 -1.90 4.04
CA ALA A 163 5.28 -0.86 4.06
C ALA A 163 5.39 0.02 2.82
N ILE A 164 4.42 0.94 2.69
CA ILE A 164 4.30 1.82 1.53
C ILE A 164 4.40 3.27 2.02
N LEU A 165 5.23 4.06 1.35
CA LEU A 165 5.40 5.45 1.72
C LEU A 165 4.11 6.24 1.46
N SER A 166 3.91 7.30 2.25
CA SER A 166 2.78 8.19 2.06
C SER A 166 3.05 9.27 1.02
N GLN A 167 4.30 9.45 0.60
CA GLN A 167 4.62 10.46 -0.41
C GLN A 167 6.00 10.16 -0.96
N THR A 168 6.11 10.07 -2.28
CA THR A 168 7.37 9.79 -2.94
C THR A 168 8.21 11.05 -3.04
N VAL A 169 9.52 10.87 -3.23
CA VAL A 169 10.42 12.00 -3.36
C VAL A 169 10.07 12.84 -4.59
N LEU A 170 9.79 12.17 -5.71
CA LEU A 170 9.41 12.89 -6.92
C LEU A 170 8.10 13.65 -6.72
N ASP A 171 7.13 13.02 -6.06
CA ASP A 171 5.86 13.70 -5.79
C ASP A 171 6.06 14.88 -4.83
N ARG A 172 7.01 14.75 -3.90
CA ARG A 172 7.29 15.82 -2.97
C ARG A 172 7.80 17.06 -3.69
N PHE A 173 8.72 16.88 -4.63
CA PHE A 173 9.29 17.97 -5.42
C PHE A 173 8.66 18.11 -6.80
N ASN A 174 7.59 17.35 -7.08
CA ASN A 174 6.84 17.38 -8.35
C ASN A 174 7.77 17.37 -9.56
N GLY A 175 8.79 16.52 -9.51
CA GLY A 175 9.77 16.41 -10.56
C GLY A 175 9.43 15.33 -11.56
N ALA A 176 10.40 15.00 -12.41
CA ALA A 176 10.21 13.98 -13.43
C ALA A 176 11.59 13.43 -13.81
N LEU A 177 11.67 12.11 -13.93
CA LEU A 177 12.93 11.48 -14.33
C LEU A 177 13.32 11.87 -15.74
N ASP A 178 12.34 11.95 -16.64
CA ASP A 178 12.57 12.24 -18.06
C ASP A 178 11.41 13.08 -18.61
N PRO A 179 11.58 14.38 -18.86
CA PRO A 179 10.50 15.13 -19.52
C PRO A 179 10.22 14.62 -20.93
N ASP A 180 8.97 14.76 -21.35
CA ASP A 180 8.56 14.28 -22.65
C ASP A 180 9.13 15.19 -23.74
N PRO A 181 9.27 14.69 -24.98
CA PRO A 181 9.71 15.55 -26.08
C PRO A 181 8.59 16.30 -26.78
N ASN A 182 7.33 16.03 -26.45
CA ASN A 182 6.20 16.67 -27.08
C ASN A 182 5.82 17.98 -26.39
N VAL A 183 5.81 18.00 -25.06
CA VAL A 183 5.52 19.24 -24.35
C VAL A 183 6.65 20.23 -24.61
N ASN A 184 6.30 21.41 -25.12
CA ASN A 184 7.27 22.38 -25.62
C ASN A 184 8.24 21.72 -26.60
N GLY A 185 7.66 20.91 -27.50
CA GLY A 185 8.43 19.99 -28.30
C GLY A 185 8.99 20.61 -29.56
N ALA A 186 9.31 19.73 -30.51
CA ALA A 186 9.98 20.09 -31.75
C ALA A 186 9.02 19.98 -32.93
N VAL A 187 9.15 20.90 -33.87
CA VAL A 187 8.35 20.95 -35.08
C VAL A 187 9.24 20.62 -36.27
N GLN A 188 8.73 19.80 -37.17
CA GLN A 188 9.49 19.38 -38.34
C GLN A 188 9.78 20.59 -39.24
N LEU A 189 10.93 20.54 -39.92
CA LEU A 189 11.36 21.60 -40.82
C LEU A 189 11.71 21.01 -42.17
N SER A 190 11.18 21.61 -43.23
CA SER A 190 11.48 21.22 -44.60
C SER A 190 12.70 21.98 -45.09
N MET A 191 13.66 21.25 -45.66
CA MET A 191 14.88 21.85 -46.17
C MET A 191 15.51 20.94 -47.22
N PRO A 192 14.90 20.79 -48.41
CA PRO A 192 15.45 19.90 -49.42
C PRO A 192 16.50 20.58 -50.30
N ALA A 250 17.40 27.46 -48.60
CA ALA A 250 16.05 27.68 -49.08
C ALA A 250 15.10 26.62 -48.52
N GLY A 251 14.49 26.94 -47.38
CA GLY A 251 13.55 26.03 -46.74
C GLY A 251 12.41 26.77 -46.05
N ASN A 252 11.54 26.02 -45.37
CA ASN A 252 10.41 26.62 -44.68
C ASN A 252 9.84 25.65 -43.64
N VAL A 253 9.58 26.15 -42.44
CA VAL A 253 9.04 25.31 -41.37
C VAL A 253 7.54 25.04 -41.53
N SER A 254 6.86 25.79 -42.40
CA SER A 254 5.45 25.57 -42.73
C SER A 254 4.53 25.93 -41.57
N LEU A 255 3.32 26.38 -41.89
CA LEU A 255 2.33 26.81 -40.91
C LEU A 255 1.18 25.81 -40.94
N THR A 256 1.31 24.76 -40.13
CA THR A 256 0.36 23.67 -40.00
C THR A 256 0.96 22.64 -39.06
N ASP A 257 2.24 22.32 -39.26
CA ASP A 257 3.08 21.87 -38.16
C ASP A 257 3.44 23.08 -37.32
N PHE A 258 3.49 22.89 -36.00
CA PHE A 258 3.44 23.88 -34.92
C PHE A 258 2.01 24.40 -34.71
N TYR A 259 1.07 24.13 -35.62
CA TYR A 259 -0.36 24.29 -35.39
C TYR A 259 -1.02 22.97 -35.02
N ASN A 260 -0.62 21.86 -35.65
CA ASN A 260 -1.00 20.55 -35.14
C ASN A 260 -0.35 20.29 -33.79
N ALA A 261 0.91 20.71 -33.64
CA ALA A 261 1.49 20.90 -32.32
C ALA A 261 1.00 22.22 -31.73
N GLN A 262 1.31 22.42 -30.45
CA GLN A 262 0.75 23.49 -29.60
C GLN A 262 -0.66 23.15 -29.13
N LYS A 263 -1.23 22.05 -29.63
CA LYS A 263 -2.29 21.33 -28.93
C LYS A 263 -1.89 19.90 -28.61
N MET A 264 -0.92 19.34 -29.36
CA MET A 264 -0.30 18.08 -28.96
C MET A 264 0.32 18.21 -27.58
N ASP A 265 0.88 19.38 -27.27
CA ASP A 265 1.33 19.66 -25.90
C ASP A 265 0.15 19.64 -24.93
N GLU A 266 -0.98 20.19 -25.36
CA GLU A 266 -2.20 20.13 -24.55
C GLU A 266 -2.77 18.71 -24.54
N LEU A 267 -2.70 18.01 -25.66
CA LEU A 267 -3.35 16.70 -25.78
C LEU A 267 -2.57 15.60 -25.06
N THR A 268 -1.25 15.73 -24.96
CA THR A 268 -0.48 14.74 -24.23
C THR A 268 -0.62 14.93 -22.72
N ARG A 269 -0.90 16.15 -22.25
CA ARG A 269 -1.08 16.38 -20.83
C ARG A 269 -2.38 15.82 -20.30
N VAL A 270 -3.47 15.92 -21.05
CA VAL A 270 -4.70 15.24 -20.66
C VAL A 270 -4.51 13.72 -20.73
N MET A 271 -3.70 13.23 -21.67
CA MET A 271 -3.37 11.82 -21.71
C MET A 271 -2.59 11.38 -20.46
N ARG A 272 -1.87 12.30 -19.82
CA ARG A 272 -1.13 11.96 -18.61
C ARG A 272 -2.05 11.76 -17.42
N LYS A 273 -3.12 12.56 -17.31
CA LYS A 273 -4.03 12.47 -16.19
C LYS A 273 -4.94 11.25 -16.24
N ILE A 274 -5.38 10.83 -17.42
CA ILE A 274 -6.24 9.66 -17.53
C ILE A 274 -5.50 8.38 -17.14
N CYS A 275 -4.19 8.31 -17.35
CA CYS A 275 -3.37 7.18 -16.92
C CYS A 275 -2.80 7.37 -15.51
N ASP A 276 -3.02 8.54 -14.90
CA ASP A 276 -2.59 8.82 -13.53
C ASP A 276 -3.75 8.85 -12.54
N ASP A 277 -4.89 9.42 -12.93
CA ASP A 277 -6.05 9.39 -12.05
C ASP A 277 -6.54 7.97 -11.82
N ASN A 278 -6.29 7.07 -12.78
CA ASN A 278 -6.63 5.65 -12.69
C ASN A 278 -5.34 4.87 -12.86
N PRO A 279 -4.59 4.63 -11.78
CA PRO A 279 -3.34 3.85 -11.92
C PRO A 279 -3.54 2.47 -12.51
N GLU A 280 -4.63 1.79 -12.16
CA GLU A 280 -4.97 0.55 -12.82
C GLU A 280 -5.62 0.86 -14.17
N TYR A 281 -5.32 0.02 -15.17
CA TYR A 281 -5.53 0.28 -16.59
C TYR A 281 -4.60 1.37 -17.12
N GLY A 282 -3.61 1.80 -16.33
CA GLY A 282 -2.71 2.84 -16.79
C GLY A 282 -1.83 2.35 -17.91
N GLU A 283 -1.51 3.26 -18.83
CA GLU A 283 -0.71 3.01 -20.03
C GLU A 283 -1.45 2.16 -21.07
N GLU A 284 -2.72 1.81 -20.83
CA GLU A 284 -3.56 1.08 -21.77
C GLU A 284 -4.91 1.75 -22.00
N MET A 285 -5.49 2.36 -20.98
CA MET A 285 -6.74 3.09 -21.17
C MET A 285 -6.53 4.33 -22.03
N VAL A 286 -5.36 4.96 -21.92
CA VAL A 286 -5.02 6.05 -22.83
C VAL A 286 -4.99 5.57 -24.27
N LEU A 287 -4.52 4.33 -24.48
CA LEU A 287 -4.57 3.75 -25.83
C LEU A 287 -6.01 3.58 -26.28
N ARG A 288 -6.87 3.05 -25.39
CA ARG A 288 -8.27 2.87 -25.74
C ARG A 288 -9.03 4.20 -25.75
N TRP A 289 -8.60 5.16 -24.92
CA TRP A 289 -9.27 6.45 -24.88
C TRP A 289 -9.12 7.19 -26.21
N ALA A 290 -7.93 7.11 -26.82
CA ALA A 290 -7.72 7.78 -28.10
C ALA A 290 -8.62 7.20 -29.19
N HIS A 291 -8.77 5.88 -29.22
CA HIS A 291 -9.60 5.23 -30.22
C HIS A 291 -11.09 5.23 -29.87
N GLY A 292 -11.44 5.59 -28.63
CA GLY A 292 -12.83 5.64 -28.22
C GLY A 292 -13.34 4.31 -27.70
N LEU A 293 -12.52 3.62 -26.92
CA LEU A 293 -12.83 2.33 -26.33
C LEU A 293 -12.78 2.45 -24.81
N SER A 294 -13.28 1.42 -24.13
CA SER A 294 -13.36 1.39 -22.67
C SER A 294 -12.92 0.01 -22.17
N VAL A 295 -12.46 0.00 -20.91
CA VAL A 295 -11.95 -1.21 -20.29
C VAL A 295 -13.09 -1.94 -19.58
N ASP A 296 -12.87 -3.24 -19.35
CA ASP A 296 -13.83 -4.01 -18.58
C ASP A 296 -13.71 -3.64 -17.11
N PRO A 297 -14.83 -3.35 -16.41
CA PRO A 297 -14.71 -2.76 -15.06
C PRO A 297 -14.41 -3.76 -13.95
N GLY A 298 -14.93 -4.98 -14.08
CA GLY A 298 -14.96 -5.90 -12.95
C GLY A 298 -13.62 -6.46 -12.53
N ARG A 299 -12.63 -6.46 -13.43
CA ARG A 299 -11.35 -7.09 -13.13
C ARG A 299 -10.62 -6.35 -12.00
N VAL A 300 -10.64 -5.03 -12.03
CA VAL A 300 -9.79 -4.23 -11.14
C VAL A 300 -10.25 -4.37 -9.69
N PRO A 301 -9.37 -4.30 -8.70
CA PRO A 301 -9.83 -4.17 -7.31
C PRO A 301 -10.27 -2.73 -7.02
N PHE A 302 -10.68 -2.52 -5.78
CA PHE A 302 -11.02 -1.17 -5.32
C PHE A 302 -10.94 -1.15 -3.80
N LEU A 303 -10.90 0.07 -3.26
CA LEU A 303 -10.68 0.30 -1.85
C LEU A 303 -12.01 0.46 -1.12
N LEU A 304 -12.04 0.01 0.14
CA LEU A 304 -13.24 0.06 0.98
C LEU A 304 -13.16 1.15 2.04
N ALA A 305 -12.07 1.17 2.82
CA ALA A 305 -11.93 2.15 3.90
C ALA A 305 -10.46 2.38 4.19
N GLU A 306 -10.17 3.53 4.80
CA GLU A 306 -8.83 3.90 5.21
C GLU A 306 -8.92 4.69 6.52
N LYS A 307 -8.12 4.29 7.50
CA LYS A 307 -8.10 4.93 8.80
C LYS A 307 -6.67 5.13 9.26
N SER A 308 -6.44 6.23 9.97
CA SER A 308 -5.12 6.56 10.49
C SER A 308 -5.28 7.45 11.71
N VAL A 309 -4.32 7.36 12.63
CA VAL A 309 -4.33 8.16 13.84
C VAL A 309 -2.93 8.13 14.45
N VAL A 310 -2.55 9.23 15.08
CA VAL A 310 -1.27 9.29 15.79
C VAL A 310 -1.44 8.58 17.13
N LEU A 311 -0.50 7.68 17.44
CA LEU A 311 -0.57 6.92 18.67
C LEU A 311 -0.40 7.83 19.88
N GLY A 312 -1.19 7.59 20.92
CA GLY A 312 -1.07 8.34 22.14
C GLY A 312 0.15 7.92 22.94
N ARG A 313 0.41 8.68 24.01
CA ARG A 313 1.58 8.45 24.85
C ARG A 313 1.16 8.51 26.30
N GLN A 314 1.59 7.52 27.08
CA GLN A 314 1.38 7.46 28.52
C GLN A 314 2.73 7.29 29.21
N ILE A 315 3.03 8.19 30.14
CA ILE A 315 4.34 8.24 30.78
C ILE A 315 4.22 7.63 32.16
N ILE A 316 5.04 6.61 32.42
CA ILE A 316 5.16 5.97 33.73
C ILE A 316 6.59 6.15 34.19
N GLY A 317 6.77 6.81 35.33
CA GLY A 317 8.09 7.09 35.88
C GLY A 317 8.45 6.14 37.01
N ALA A 318 9.76 5.95 37.19
CA ALA A 318 10.24 5.10 38.27
C ALA A 318 10.08 5.80 39.61
N THR A 319 10.22 5.01 40.68
CA THR A 319 10.10 5.51 42.05
C THR A 319 11.22 5.04 42.97
N ASP A 320 12.04 4.09 42.55
CA ASP A 320 13.16 3.64 43.38
C ASP A 320 14.24 4.73 43.42
N THR A 321 15.18 4.55 44.35
CA THR A 321 16.22 5.55 44.56
C THR A 321 17.10 5.70 43.32
N ALA A 322 17.59 4.57 42.79
CA ALA A 322 18.48 4.63 41.63
C ALA A 322 17.75 5.15 40.40
N GLY A 323 16.52 4.70 40.17
CA GLY A 323 15.79 5.13 38.99
C GLY A 323 15.44 6.60 39.02
N VAL A 324 15.06 7.12 40.19
CA VAL A 324 14.68 8.53 40.30
C VAL A 324 15.89 9.42 40.02
N GLU A 325 17.04 9.10 40.62
CA GLU A 325 18.22 9.93 40.45
C GLU A 325 18.69 9.96 39.00
N ASP A 326 18.67 8.81 38.33
CA ASP A 326 19.10 8.77 36.93
C ASP A 326 18.07 9.40 36.01
N GLY A 327 16.80 9.33 36.36
CA GLY A 327 15.71 9.80 35.52
C GLY A 327 15.03 8.72 34.71
N VAL A 328 14.91 7.51 35.25
CA VAL A 328 14.31 6.41 34.50
C VAL A 328 12.81 6.66 34.34
N LYS A 329 12.30 6.35 33.15
CA LYS A 329 10.88 6.51 32.86
C LYS A 329 10.56 5.73 31.59
N ARG A 330 9.27 5.65 31.29
CA ARG A 330 8.76 4.80 30.22
C ARG A 330 7.73 5.58 29.40
N SER A 331 7.57 5.18 28.14
CA SER A 331 6.54 5.71 27.26
C SER A 331 5.80 4.53 26.63
N ASP A 332 4.49 4.45 26.88
CA ASP A 332 3.64 3.40 26.35
C ASP A 332 2.71 3.98 25.29
N MET A 333 2.57 3.26 24.18
CA MET A 333 1.76 3.69 23.04
C MET A 333 0.60 2.73 22.84
N ALA A 334 -0.55 3.29 22.48
CA ALA A 334 -1.74 2.50 22.19
C ALA A 334 -2.65 3.29 21.27
N ALA A 335 -3.50 2.57 20.55
CA ALA A 335 -4.44 3.19 19.63
C ALA A 335 -5.57 2.21 19.34
N GLN A 336 -6.67 2.76 18.84
CA GLN A 336 -7.84 1.96 18.47
C GLN A 336 -8.46 2.57 17.22
N LEU A 337 -8.68 1.72 16.21
CA LEU A 337 -9.27 2.14 14.96
C LEU A 337 -10.32 1.10 14.55
N SER A 338 -11.35 1.57 13.85
CA SER A 338 -12.42 0.69 13.39
C SER A 338 -13.13 1.34 12.22
N PHE A 339 -13.87 0.52 11.47
CA PHE A 339 -14.68 1.01 10.36
C PHE A 339 -15.83 0.04 10.13
N THR A 340 -16.85 0.54 9.41
CA THR A 340 -18.02 -0.25 9.10
C THR A 340 -18.53 0.20 7.74
N VAL A 341 -18.34 -0.62 6.72
CA VAL A 341 -18.64 -0.29 5.33
C VAL A 341 -19.43 -1.44 4.71
N PRO A 342 -20.25 -1.19 3.68
CA PRO A 342 -21.01 -2.29 3.07
C PRO A 342 -20.11 -3.20 2.25
N ILE A 343 -20.56 -4.44 2.11
CA ILE A 343 -19.84 -5.46 1.35
C ILE A 343 -20.24 -5.35 -0.11
N PRO A 344 -19.32 -5.21 -1.07
CA PRO A 344 -19.74 -5.13 -2.48
C PRO A 344 -20.34 -6.44 -2.96
N THR A 345 -21.27 -6.32 -3.91
CA THR A 345 -21.96 -7.46 -4.49
C THR A 345 -21.43 -7.70 -5.90
N THR A 346 -21.03 -8.94 -6.18
CA THR A 346 -20.50 -9.33 -7.48
C THR A 346 -21.07 -10.68 -7.87
N GLU A 347 -21.08 -10.93 -9.18
CA GLU A 347 -21.62 -12.20 -9.67
C GLU A 347 -20.78 -13.38 -9.18
N LEU A 348 -19.46 -13.25 -9.22
CA LEU A 348 -18.56 -14.33 -8.84
C LEU A 348 -18.19 -14.28 -7.36
N GLY A 349 -17.57 -13.19 -6.93
CA GLY A 349 -17.18 -13.00 -5.55
C GLY A 349 -15.75 -12.47 -5.44
N GLY A 350 -15.29 -12.39 -4.19
CA GLY A 350 -13.95 -11.91 -3.93
C GLY A 350 -13.62 -12.05 -2.46
N ILE A 351 -12.47 -11.47 -2.09
CA ILE A 351 -11.99 -11.48 -0.71
C ILE A 351 -11.62 -10.06 -0.32
N ILE A 352 -12.03 -9.67 0.88
CA ILE A 352 -11.74 -8.34 1.42
C ILE A 352 -10.53 -8.50 2.33
N VAL A 353 -9.35 -8.30 1.75
CA VAL A 353 -8.11 -8.42 2.50
C VAL A 353 -7.91 -7.14 3.31
N THR A 354 -7.76 -7.30 4.63
CA THR A 354 -7.52 -6.19 5.54
C THR A 354 -6.04 -6.11 5.87
N PHE A 355 -5.54 -4.88 5.99
CA PHE A 355 -4.14 -4.61 6.29
C PHE A 355 -4.04 -3.70 7.50
N ALA A 356 -2.87 -3.72 8.14
CA ALA A 356 -2.56 -2.82 9.24
C ALA A 356 -1.05 -2.62 9.30
N CYS A 357 -0.65 -1.43 9.74
CA CYS A 357 0.78 -1.10 9.75
C CYS A 357 1.03 0.05 10.71
N ILE A 358 2.24 0.08 11.26
CA ILE A 358 2.75 1.19 12.06
C ILE A 358 4.01 1.69 11.38
N LYS A 359 4.08 3.00 11.15
CA LYS A 359 5.17 3.64 10.45
C LYS A 359 5.66 4.84 11.23
N PRO A 360 6.96 5.21 11.11
CA PRO A 360 7.43 6.44 11.77
C PRO A 360 7.17 7.68 10.94
N ASP A 361 7.56 8.84 11.45
CA ASP A 361 7.41 10.07 10.68
C ASP A 361 8.31 10.04 9.46
N GLU A 362 7.78 10.53 8.34
CA GLU A 362 8.49 10.57 7.06
C GLU A 362 8.87 12.01 6.78
N THR A 363 10.04 12.40 7.31
CA THR A 363 10.60 13.73 7.11
C THR A 363 12.08 13.60 6.83
N LEU A 364 12.59 14.43 5.93
CA LEU A 364 13.98 14.32 5.48
C LEU A 364 14.88 14.95 6.53
N SER A 365 15.52 14.12 7.35
CA SER A 365 16.53 14.62 8.26
C SER A 365 17.76 15.10 7.52
N SER A 366 18.07 14.50 6.37
CA SER A 366 19.24 14.82 5.56
C SER A 366 18.76 15.47 4.26
N GLN A 367 18.90 16.79 4.19
CA GLN A 367 18.59 17.54 2.98
C GLN A 367 19.36 18.86 3.09
N PRO A 368 20.22 19.21 2.11
CA PRO A 368 20.96 20.45 2.25
C PRO A 368 20.06 21.68 2.16
N HIS A 369 20.45 22.74 2.85
CA HIS A 369 19.66 23.96 2.86
C HIS A 369 19.70 24.61 1.48
N PRO A 370 18.55 24.91 0.84
CA PRO A 370 18.63 25.47 -0.51
C PRO A 370 19.25 26.85 -0.59
N ILE A 371 19.34 27.57 0.52
CA ILE A 371 19.86 28.93 0.57
C ILE A 371 21.25 28.97 1.21
N LEU A 372 21.36 28.48 2.45
CA LEU A 372 22.60 28.62 3.19
C LEU A 372 23.66 27.62 2.76
N ALA A 373 23.26 26.46 2.23
CA ALA A 373 24.25 25.45 1.84
C ALA A 373 24.98 25.85 0.57
N ASP A 374 24.25 26.41 -0.40
CA ASP A 374 24.83 26.79 -1.68
C ASP A 374 25.32 28.24 -1.60
N HIS A 375 25.83 28.76 -2.73
CA HIS A 375 26.42 30.09 -2.75
C HIS A 375 25.35 31.16 -2.67
N TRP A 376 25.74 32.34 -2.17
CA TRP A 376 24.87 33.50 -2.15
C TRP A 376 25.03 34.26 -3.46
N ARG A 377 23.94 34.33 -4.24
CA ARG A 377 23.99 34.89 -5.59
C ARG A 377 22.86 35.90 -5.77
N LEU A 378 23.12 36.89 -6.63
CA LEU A 378 22.09 37.83 -7.06
C LEU A 378 21.41 37.26 -8.29
N ASP A 379 20.12 36.97 -8.18
CA ASP A 379 19.40 36.25 -9.23
C ASP A 379 18.85 37.22 -10.25
N ASN A 380 19.09 36.93 -11.52
CA ASN A 380 18.52 37.70 -12.62
C ASN A 380 17.13 37.15 -12.91
N PHE A 381 16.10 37.82 -12.38
CA PHE A 381 14.73 37.36 -12.58
C PHE A 381 14.31 37.42 -14.04
N VAL A 382 14.98 38.24 -14.85
CA VAL A 382 14.69 38.26 -16.29
C VAL A 382 14.98 36.90 -16.91
N ALA A 383 16.16 36.34 -16.62
CA ALA A 383 16.49 35.02 -17.15
C ALA A 383 15.66 33.93 -16.49
N ASP A 384 15.19 34.16 -15.27
CA ASP A 384 14.40 33.15 -14.56
C ASP A 384 13.09 32.88 -15.28
N GLU A 385 12.36 33.94 -15.63
CA GLU A 385 11.11 33.78 -16.37
C GLU A 385 11.33 33.37 -17.81
N LEU A 386 12.55 33.50 -18.34
CA LEU A 386 12.85 33.18 -19.72
C LEU A 386 13.16 31.70 -19.94
N ALA A 387 13.39 30.93 -18.88
CA ALA A 387 13.78 29.53 -19.02
C ALA A 387 12.68 28.72 -19.70
N LEU A 388 11.55 28.56 -19.01
CA LEU A 388 10.40 27.82 -19.53
C LEU A 388 10.80 26.40 -19.96
N ASP A 389 11.68 25.78 -19.18
CA ASP A 389 12.23 24.47 -19.51
C ASP A 389 12.57 23.74 -18.21
N PRO A 390 12.52 22.40 -18.19
CA PRO A 390 13.00 21.70 -16.99
C PRO A 390 14.48 21.94 -16.74
N GLN A 391 14.85 21.98 -15.46
CA GLN A 391 16.22 22.18 -15.02
C GLN A 391 16.69 20.92 -14.29
N PRO A 392 17.89 20.40 -14.58
CA PRO A 392 18.32 19.16 -13.94
C PRO A 392 18.65 19.38 -12.46
N VAL A 393 18.57 18.29 -11.70
CA VAL A 393 18.88 18.28 -10.28
C VAL A 393 19.90 17.17 -10.03
N MET A 394 20.93 17.49 -9.27
CA MET A 394 21.98 16.55 -8.91
C MET A 394 21.72 15.98 -7.52
N ALA A 395 22.30 14.81 -7.26
CA ALA A 395 22.14 14.16 -5.96
C ALA A 395 22.78 14.98 -4.84
N ARG A 396 23.74 15.85 -5.17
CA ARG A 396 24.35 16.72 -4.16
C ARG A 396 23.34 17.67 -3.52
N GLU A 397 22.23 17.96 -4.20
CA GLU A 397 21.22 18.86 -3.68
C GLU A 397 20.15 18.17 -2.84
N LEU A 398 20.13 16.83 -2.83
CA LEU A 398 19.10 16.07 -2.11
C LEU A 398 19.53 15.66 -0.72
N ASP A 399 20.81 15.35 -0.51
CA ASP A 399 21.29 14.90 0.79
C ASP A 399 22.80 15.09 0.84
N TYR A 400 23.36 14.90 2.03
CA TYR A 400 24.80 14.97 2.26
C TYR A 400 25.43 13.60 2.51
N LYS A 401 24.66 12.51 2.42
CA LYS A 401 25.17 11.16 2.55
C LYS A 401 25.43 10.53 1.18
N VAL A 402 25.83 11.33 0.21
CA VAL A 402 26.01 10.89 -1.17
C VAL A 402 27.44 10.40 -1.35
N ALA A 403 27.59 9.35 -2.15
CA ALA A 403 28.91 8.86 -2.50
C ALA A 403 29.65 9.90 -3.35
N GLN A 404 30.97 9.77 -3.38
CA GLN A 404 31.78 10.74 -4.11
C GLN A 404 31.50 10.68 -5.61
N ALA A 405 31.31 9.49 -6.15
CA ALA A 405 31.07 9.35 -7.59
C ALA A 405 29.71 9.89 -7.98
N ASN A 406 28.69 9.63 -7.16
CA ASN A 406 27.31 10.03 -7.48
C ASN A 406 27.00 11.47 -7.08
N GLU A 407 28.00 12.26 -6.70
CA GLU A 407 27.74 13.64 -6.32
C GLU A 407 27.20 14.45 -7.49
N THR A 408 27.77 14.24 -8.69
CA THR A 408 27.35 14.93 -9.90
C THR A 408 26.68 13.89 -10.81
N THR A 409 25.40 13.66 -10.58
CA THR A 409 24.61 12.72 -11.38
C THR A 409 23.17 13.20 -11.40
N VAL A 410 22.64 13.45 -12.60
CA VAL A 410 21.26 13.87 -12.71
C VAL A 410 20.34 12.74 -12.25
N VAL A 411 19.41 13.06 -11.38
CA VAL A 411 18.53 12.08 -10.74
C VAL A 411 17.08 12.26 -11.15
N PHE A 412 16.63 13.51 -11.30
CA PHE A 412 15.27 13.79 -11.75
C PHE A 412 15.17 15.26 -12.10
N TYR A 413 14.48 15.56 -13.20
CA TYR A 413 14.28 16.94 -13.62
C TYR A 413 13.09 17.55 -12.90
N THR A 414 13.12 18.87 -12.73
CA THR A 414 12.07 19.59 -12.04
C THR A 414 11.99 21.00 -12.61
N GLY A 415 11.29 21.89 -11.90
CA GLY A 415 11.13 23.25 -12.33
C GLY A 415 12.38 24.09 -12.14
N LEU A 416 12.21 25.41 -12.08
CA LEU A 416 13.36 26.31 -12.01
C LEU A 416 13.89 26.41 -10.57
N ASN A 417 13.05 26.92 -9.66
CA ASN A 417 13.43 27.17 -8.27
C ASN A 417 12.87 26.12 -7.31
N GLU A 418 12.56 24.92 -7.80
CA GLU A 418 12.12 23.86 -6.92
C GLU A 418 13.25 23.47 -5.97
N LEU A 419 12.87 22.92 -4.81
CA LEU A 419 13.69 22.67 -3.63
C LEU A 419 13.89 23.95 -2.82
N LYS A 420 13.38 25.10 -3.28
CA LYS A 420 13.36 26.34 -2.52
C LYS A 420 11.95 26.78 -2.15
N LYS A 421 10.93 26.29 -2.86
CA LYS A 421 9.55 26.59 -2.48
C LYS A 421 9.22 26.00 -1.11
N THR A 422 9.70 24.79 -0.85
CA THR A 422 9.42 24.07 0.39
C THR A 422 10.70 23.45 0.92
N TYR A 423 10.86 23.48 2.24
CA TYR A 423 12.00 22.82 2.90
C TYR A 423 11.57 22.47 4.32
N VAL A 424 11.25 21.19 4.53
CA VAL A 424 10.84 20.67 5.83
C VAL A 424 11.91 19.70 6.29
N SER A 425 12.37 19.87 7.53
CA SER A 425 13.46 19.05 8.08
C SER A 425 13.19 18.77 9.55
N TYR A 426 13.30 17.51 9.94
CA TYR A 426 13.21 17.06 11.32
C TYR A 426 14.41 16.18 11.61
N GLY A 427 15.09 16.44 12.72
CA GLY A 427 16.23 15.63 13.08
C GLY A 427 17.00 16.25 14.22
N LEU A 428 18.15 15.64 14.52
CA LEU A 428 19.02 16.07 15.61
C LEU A 428 20.02 17.11 15.12
N CYS A 429 20.64 17.80 16.07
CA CYS A 429 21.74 18.70 15.75
C CYS A 429 23.00 17.90 15.46
N ARG A 430 23.77 18.34 14.47
CA ARG A 430 24.99 17.63 14.10
C ARG A 430 26.04 17.68 15.20
N ALA A 431 25.99 18.68 16.08
CA ALA A 431 26.95 18.75 17.17
C ALA A 431 26.66 17.72 18.25
N LEU A 432 25.39 17.37 18.44
CA LEU A 432 25.02 16.41 19.48
C LEU A 432 25.56 15.02 19.16
N ASP A 433 25.99 14.31 20.20
CA ASP A 433 26.47 12.94 20.05
C ASP A 433 25.32 11.97 20.29
N PRO A 434 24.97 11.09 19.33
CA PRO A 434 23.78 10.24 19.55
C PRO A 434 23.89 9.27 20.71
N ASN A 435 25.10 8.98 21.21
CA ASN A 435 25.21 8.06 22.34
C ASN A 435 24.55 8.65 23.58
N THR A 436 24.57 9.98 23.72
CA THR A 436 23.78 10.65 24.75
C THR A 436 22.30 10.55 24.38
N VAL A 437 21.45 11.05 25.28
CA VAL A 437 19.99 11.05 25.16
C VAL A 437 19.47 9.67 24.76
N GLU A 438 20.05 8.62 25.35
CA GLU A 438 19.41 7.31 25.31
C GLU A 438 18.05 7.37 26.02
N SER A 439 17.98 8.11 27.12
CA SER A 439 16.71 8.61 27.61
C SER A 439 16.31 9.82 26.78
N LYS A 440 15.00 10.03 26.64
CA LYS A 440 14.43 11.01 25.73
C LYS A 440 14.78 10.72 24.27
N ASN A 441 15.07 9.46 23.95
CA ASN A 441 15.37 9.10 22.56
C ASN A 441 14.08 9.06 21.76
N ALA A 442 13.67 10.22 21.23
CA ALA A 442 12.43 10.36 20.49
C ALA A 442 12.59 10.23 18.99
N VAL A 443 13.82 10.32 18.48
CA VAL A 443 14.05 10.39 17.04
C VAL A 443 13.99 8.97 16.48
N TRP A 444 12.82 8.59 15.97
CA TRP A 444 12.64 7.37 15.17
C TRP A 444 12.03 7.85 13.86
N GLN A 445 12.88 8.11 12.87
CA GLN A 445 12.46 8.57 11.56
C GLN A 445 13.20 7.76 10.49
N LEU A 446 12.54 7.60 9.34
CA LEU A 446 13.09 6.77 8.27
C LEU A 446 14.33 7.45 7.71
N GLU A 447 15.49 6.86 7.98
CA GLU A 447 16.76 7.36 7.44
C GLU A 447 16.98 6.76 6.06
N VAL A 448 16.12 7.18 5.13
CA VAL A 448 16.19 6.65 3.77
C VAL A 448 17.51 7.10 3.14
N PRO A 449 18.21 6.26 2.35
CA PRO A 449 19.41 6.76 1.66
C PRO A 449 19.13 7.95 0.76
N LEU A 450 17.96 7.98 0.12
CA LEU A 450 17.58 9.06 -0.79
C LEU A 450 18.49 9.05 -2.01
N SER A 451 18.37 10.05 -2.88
CA SER A 451 19.15 10.14 -4.11
C SER A 451 18.91 8.92 -5.00
N VAL A 452 19.47 7.78 -4.64
CA VAL A 452 19.25 6.56 -5.42
C VAL A 452 17.81 6.11 -5.28
N THR A 453 17.20 5.74 -6.41
CA THR A 453 15.81 5.34 -6.48
C THR A 453 14.88 6.40 -5.85
N PRO A 454 14.83 7.60 -6.43
CA PRO A 454 13.89 8.61 -5.92
C PRO A 454 12.44 8.20 -6.08
N GLU A 455 12.12 7.45 -7.13
CA GLU A 455 10.76 7.00 -7.41
C GLU A 455 10.35 5.78 -6.59
N THR A 456 11.15 5.35 -5.62
CA THR A 456 10.81 4.18 -4.82
C THR A 456 9.52 4.42 -4.06
N VAL A 457 8.63 3.43 -4.11
CA VAL A 457 7.34 3.49 -3.42
C VAL A 457 7.36 2.73 -2.09
N LEU A 458 8.29 1.82 -1.89
CA LEU A 458 8.29 0.89 -0.77
C LEU A 458 9.30 1.29 0.28
N TYR A 459 9.06 0.82 1.51
CA TYR A 459 9.98 1.00 2.60
C TYR A 459 11.21 0.10 2.40
N PRO A 460 12.31 0.38 3.11
CA PRO A 460 13.44 -0.56 3.06
C PRO A 460 13.06 -1.90 3.65
N ALA A 461 13.70 -2.95 3.14
CA ALA A 461 13.37 -4.31 3.57
C ALA A 461 13.66 -4.50 5.05
N ASP A 462 14.78 -3.96 5.53
CA ASP A 462 15.18 -4.04 6.94
C ASP A 462 15.14 -2.64 7.52
N LEU A 463 14.18 -2.41 8.42
CA LEU A 463 14.01 -1.12 9.11
C LEU A 463 14.44 -1.29 10.57
N PRO A 464 15.59 -0.80 11.00
CA PRO A 464 15.96 -0.95 12.40
C PRO A 464 15.05 -0.16 13.32
N GLN A 465 14.63 -0.80 14.42
CA GLN A 465 13.73 -0.20 15.39
C GLN A 465 14.57 0.25 16.59
N TYR A 466 15.14 1.43 16.46
CA TYR A 466 16.11 1.92 17.46
C TYR A 466 15.52 2.08 18.86
N PRO A 467 14.42 2.81 19.08
CA PRO A 467 14.03 3.08 20.48
C PRO A 467 13.63 1.86 21.27
N PHE A 468 13.18 0.79 20.60
CA PHE A 468 12.85 -0.44 21.31
C PHE A 468 14.11 -1.18 21.71
N ALA A 469 13.99 -1.97 22.78
CA ALA A 469 15.15 -2.70 23.29
C ALA A 469 15.67 -3.71 22.27
N ASP A 470 14.77 -4.45 21.63
CA ASP A 470 15.10 -5.43 20.60
C ASP A 470 14.72 -4.86 19.24
N GLN A 471 15.69 -4.75 18.35
CA GLN A 471 15.43 -4.17 17.04
C GLN A 471 14.67 -5.14 16.15
N GLN A 472 15.00 -6.43 16.20
CA GLN A 472 14.43 -7.42 15.30
C GLN A 472 13.12 -8.02 15.79
N ALA A 473 12.69 -7.72 17.02
CA ALA A 473 11.47 -8.28 17.54
C ALA A 473 10.25 -7.56 16.96
N GLU A 474 9.14 -8.29 16.87
CA GLU A 474 7.86 -7.71 16.47
C GLU A 474 7.36 -6.84 17.61
N VAL A 475 7.56 -5.52 17.49
CA VAL A 475 7.36 -4.63 18.62
C VAL A 475 5.88 -4.51 18.96
N CYS A 476 5.02 -4.44 17.95
CA CYS A 476 3.60 -4.20 18.18
C CYS A 476 2.86 -5.50 18.48
N THR A 477 1.72 -5.35 19.16
CA THR A 477 0.78 -6.43 19.41
C THR A 477 -0.61 -5.93 19.08
N TYR A 478 -1.35 -6.68 18.27
CA TYR A 478 -2.65 -6.26 17.77
C TYR A 478 -3.70 -7.33 18.07
N VAL A 479 -4.92 -6.85 18.29
CA VAL A 479 -6.10 -7.71 18.51
C VAL A 479 -7.19 -7.21 17.58
N VAL A 480 -7.69 -8.09 16.72
CA VAL A 480 -8.70 -7.74 15.72
C VAL A 480 -10.03 -8.32 16.13
N GLN A 481 -11.10 -7.68 15.68
CA GLN A 481 -12.47 -8.15 15.91
C GLN A 481 -13.27 -7.81 14.66
N SER A 482 -13.38 -8.77 13.75
CA SER A 482 -14.11 -8.60 12.49
C SER A 482 -15.45 -9.31 12.61
N THR A 483 -16.54 -8.57 12.39
CA THR A 483 -17.88 -9.12 12.40
C THR A 483 -18.53 -8.80 11.05
N ALA A 484 -18.98 -9.84 10.35
CA ALA A 484 -19.58 -9.72 9.04
C ALA A 484 -20.97 -10.35 9.06
N VAL A 485 -21.94 -9.65 8.50
CA VAL A 485 -23.30 -10.15 8.30
C VAL A 485 -23.55 -10.15 6.81
N MET A 486 -23.71 -11.35 6.24
CA MET A 486 -23.78 -11.55 4.79
C MET A 486 -25.08 -12.23 4.40
N PRO A 487 -26.11 -11.45 4.04
CA PRO A 487 -27.24 -12.04 3.30
C PRO A 487 -26.74 -12.74 2.05
N THR A 488 -27.25 -13.94 1.82
CA THR A 488 -26.72 -14.86 0.82
C THR A 488 -27.87 -15.56 0.12
N PRO A 489 -27.66 -16.05 -1.12
CA PRO A 489 -28.70 -16.89 -1.76
C PRO A 489 -28.56 -18.37 -1.42
N MET A 490 -27.78 -18.69 -0.39
CA MET A 490 -27.55 -20.08 -0.04
C MET A 490 -28.84 -20.74 0.44
N ILE A 491 -28.93 -22.06 0.25
CA ILE A 491 -30.15 -22.80 0.52
C ILE A 491 -30.19 -23.33 1.96
N PHE A 492 -29.07 -23.88 2.43
CA PHE A 492 -29.02 -24.58 3.71
C PHE A 492 -30.00 -25.74 3.69
N GLY A 493 -30.32 -26.30 4.86
CA GLY A 493 -31.24 -27.42 4.92
C GLY A 493 -31.80 -27.63 6.31
N PRO A 494 -32.79 -28.52 6.42
CA PRO A 494 -33.42 -28.77 7.72
C PRO A 494 -32.49 -29.51 8.66
N SER A 495 -32.68 -29.29 9.96
CA SER A 495 -31.88 -29.95 10.97
C SER A 495 -32.33 -31.40 11.12
N PRO A 496 -31.43 -32.32 11.48
CA PRO A 496 -31.84 -33.70 11.74
C PRO A 496 -32.34 -33.86 13.17
N VAL A 497 -32.69 -35.11 13.50
CA VAL A 497 -33.21 -35.48 14.81
C VAL A 497 -32.39 -36.65 15.35
N GLU A 498 -32.64 -37.02 16.60
CA GLU A 498 -31.91 -38.07 17.30
C GLU A 498 -32.78 -39.32 17.41
N GLN A 499 -32.11 -40.47 17.41
CA GLN A 499 -32.82 -41.74 17.52
C GLN A 499 -33.59 -41.82 18.83
N LEU A 500 -34.81 -42.36 18.75
CA LEU A 500 -35.66 -42.60 19.90
C LEU A 500 -35.66 -44.09 20.21
N ALA A 501 -35.37 -44.44 21.46
CA ALA A 501 -35.30 -45.83 21.90
C ALA A 501 -36.61 -46.32 22.51
N VAL A 502 -37.68 -45.53 22.43
CA VAL A 502 -38.99 -45.94 22.93
C VAL A 502 -39.87 -46.51 21.83
N ILE A 503 -39.64 -46.16 20.57
CA ILE A 503 -40.49 -46.60 19.47
C ILE A 503 -40.07 -47.97 18.96
N GLU A 504 -38.78 -48.20 18.77
CA GLU A 504 -38.31 -49.49 18.32
C GLU A 504 -38.33 -50.53 19.44
N THR A 505 -38.16 -50.11 20.68
CA THR A 505 -38.13 -51.02 21.82
C THR A 505 -39.52 -51.32 22.39
N GLU A 506 -40.56 -50.63 21.92
CA GLU A 506 -41.93 -50.90 22.35
C GLU A 506 -42.91 -51.00 21.19
N ASP A 507 -42.53 -50.59 19.97
CA ASP A 507 -43.41 -50.66 18.80
C ASP A 507 -44.63 -49.78 18.98
N LEU A 508 -44.39 -48.50 19.30
CA LEU A 508 -45.48 -47.55 19.43
C LEU A 508 -46.20 -47.36 18.10
N PHE A 509 -45.44 -47.23 17.01
CA PHE A 509 -46.01 -47.12 15.67
C PHE A 509 -46.28 -48.52 15.10
N GLU A 510 -47.20 -49.22 15.74
CA GLU A 510 -47.56 -50.57 15.32
C GLU A 510 -48.40 -50.54 14.05
#